data_7MNV
#
_entry.id   7MNV
#
_cell.length_a   60.470
_cell.length_b   80.470
_cell.length_c   58.320
_cell.angle_alpha   90.000
_cell.angle_beta   90.000
_cell.angle_gamma   90.000
#
_symmetry.space_group_name_H-M   'P 21 21 2'
#
loop_
_entity.id
_entity.type
_entity.pdbx_description
1 polymer 'GTP-binding nuclear protein Ran'
2 polymer 'E3 SUMO-protein ligase RanBP2'
3 non-polymer "GUANOSINE-5'-DIPHOSPHATE"
4 non-polymer GLYCEROL
5 non-polymer 'MAGNESIUM ION'
6 non-polymer 'ZINC ION'
7 water water
#
loop_
_entity_poly.entity_id
_entity_poly.type
_entity_poly.pdbx_seq_one_letter_code
_entity_poly.pdbx_strand_id
1 'polypeptide(L)'
;MGSSHHHHHHSSGLVPRGSHMAAQGEPQVQFKLVLVGDGGTGKTTFVKRHLTGESEKKYVATLGVEVHPLVFHTNRGPIK
FNVWDTAGQEKFGGLRDGYYIQAQCAIIMFDVTSRVTYKNVPNWHRDLVRVCENIPIVLCGNKVDIKDRKVKAKSIVFHR
KKNLQYYDISAKSNYNFEKPFLWLARKLIGDPNLEFVAMPALAPPEVVMDPALAAQYEHDLEVAQTTALPDEDDDL
;
A
2 'polypeptide(L)' GPLGSGFEGMFIRKGQWDCSVCCVQNESSSLKCVACDASKP B
#
loop_
_chem_comp.id
_chem_comp.type
_chem_comp.name
_chem_comp.formula
GDP RNA linking GUANOSINE-5'-DIPHOSPHATE 'C10 H15 N5 O11 P2'
GOL non-polymer GLYCEROL 'C3 H8 O3'
MG non-polymer 'MAGNESIUM ION' 'Mg 2'
ZN non-polymer 'ZINC ION' 'Zn 2'
#
# COMPACT_ATOMS: atom_id res chain seq x y z
N PRO A 27 17.55 2.34 15.69
CA PRO A 27 16.49 3.06 14.99
C PRO A 27 16.21 2.45 13.61
N GLN A 28 14.94 2.18 13.33
CA GLN A 28 14.53 1.46 12.13
C GLN A 28 13.86 2.37 11.12
N VAL A 29 13.85 1.91 9.87
CA VAL A 29 13.20 2.62 8.78
C VAL A 29 11.76 2.14 8.68
N GLN A 30 10.82 3.07 8.81
CA GLN A 30 9.41 2.69 8.69
C GLN A 30 8.63 3.79 7.99
N PHE A 31 7.58 3.38 7.29
CA PHE A 31 6.76 4.27 6.48
C PHE A 31 5.30 3.97 6.76
N LYS A 32 4.49 5.01 6.95
CA LYS A 32 3.04 4.88 6.94
C LYS A 32 2.56 4.74 5.50
N LEU A 33 1.90 3.61 5.22
CA LEU A 33 1.34 3.28 3.92
C LEU A 33 -0.16 3.18 4.09
N VAL A 34 -0.92 4.04 3.42
CA VAL A 34 -2.37 3.92 3.46
C VAL A 34 -2.88 3.11 2.28
N LEU A 35 -3.83 2.23 2.54
CA LEU A 35 -4.35 1.29 1.55
C LEU A 35 -5.79 1.67 1.38
N VAL A 36 -6.14 2.18 0.21
CA VAL A 36 -7.47 2.74 -0.01
C VAL A 36 -8.05 2.20 -1.29
N GLY A 37 -9.36 2.41 -1.46
CA GLY A 37 -10.06 1.83 -2.57
C GLY A 37 -11.45 1.42 -2.14
N ASP A 38 -12.34 1.16 -3.08
CA ASP A 38 -13.72 0.83 -2.75
C ASP A 38 -13.80 -0.41 -1.86
N GLY A 39 -14.86 -0.47 -1.06
CA GLY A 39 -15.12 -1.70 -0.32
C GLY A 39 -15.25 -2.87 -1.27
N GLY A 40 -14.76 -4.03 -0.84
CA GLY A 40 -14.86 -5.23 -1.64
C GLY A 40 -13.76 -5.42 -2.65
N THR A 41 -12.82 -4.49 -2.75
CA THR A 41 -11.78 -4.65 -3.77
C THR A 41 -10.67 -5.60 -3.33
N GLY A 42 -10.65 -6.00 -2.07
CA GLY A 42 -9.67 -6.95 -1.57
C GLY A 42 -8.53 -6.35 -0.77
N LYS A 43 -8.71 -5.15 -0.21
CA LYS A 43 -7.65 -4.50 0.56
C LYS A 43 -7.24 -5.34 1.76
N THR A 44 -8.23 -5.82 2.52
CA THR A 44 -7.92 -6.59 3.72
C THR A 44 -7.29 -7.91 3.36
N THR A 45 -7.85 -8.60 2.36
CA THR A 45 -7.28 -9.87 1.92
C THR A 45 -5.83 -9.70 1.52
N PHE A 46 -5.54 -8.58 0.86
CA PHE A 46 -4.18 -8.29 0.40
C PHE A 46 -3.22 -8.07 1.57
N VAL A 47 -3.53 -7.12 2.44
CA VAL A 47 -2.57 -6.83 3.51
C VAL A 47 -2.37 -8.07 4.37
N LYS A 48 -3.41 -8.92 4.49
CA LYS A 48 -3.30 -10.07 5.37
C LYS A 48 -2.37 -11.16 4.84
N ARG A 49 -1.97 -11.10 3.57
CA ARG A 49 -1.08 -12.14 3.09
C ARG A 49 0.19 -12.18 3.92
N HIS A 50 0.65 -11.04 4.44
CA HIS A 50 1.92 -10.95 5.17
C HIS A 50 1.70 -11.45 6.58
N LEU A 51 2.25 -12.61 6.91
CA LEU A 51 1.82 -13.32 8.12
C LEU A 51 2.21 -12.58 9.40
N THR A 52 3.44 -12.08 9.46
CA THR A 52 3.87 -11.33 10.65
C THR A 52 3.15 -9.98 10.74
N GLY A 53 2.86 -9.34 9.61
CA GLY A 53 2.07 -8.12 9.64
C GLY A 53 0.69 -8.36 10.19
N GLU A 54 0.17 -9.56 10.03
CA GLU A 54 -1.15 -9.89 10.58
C GLU A 54 -1.03 -10.22 12.06
N SER A 55 -0.05 -11.04 12.42
CA SER A 55 0.07 -11.44 13.83
C SER A 55 0.45 -10.26 14.72
N GLU A 56 1.14 -9.26 14.16
CA GLU A 56 1.60 -8.12 14.94
C GLU A 56 0.78 -6.86 14.68
N LYS A 57 -0.39 -6.99 14.05
CA LYS A 57 -1.19 -5.81 13.73
C LYS A 57 -1.68 -5.13 15.01
N LYS A 58 -1.88 -3.82 14.90
CA LYS A 58 -2.27 -2.98 16.02
C LYS A 58 -3.60 -2.30 15.70
N TYR A 59 -4.52 -2.29 16.63
CA TYR A 59 -5.83 -1.69 16.41
C TYR A 59 -5.83 -0.24 16.92
N VAL A 60 -6.32 0.67 16.09
CA VAL A 60 -6.43 2.10 16.37
C VAL A 60 -7.91 2.38 16.54
N ALA A 61 -8.33 2.47 17.79
CA ALA A 61 -9.76 2.52 18.11
C ALA A 61 -10.38 3.84 17.69
N THR A 62 -9.66 4.96 17.86
CA THR A 62 -10.26 6.24 17.52
C THR A 62 -10.67 6.28 16.05
N LEU A 63 -9.88 5.64 15.18
CA LEU A 63 -10.11 5.69 13.75
C LEU A 63 -10.67 4.39 13.18
N GLY A 64 -10.74 3.34 13.97
CA GLY A 64 -11.19 2.04 13.48
C GLY A 64 -10.29 1.51 12.38
N VAL A 65 -9.01 1.39 12.69
CA VAL A 65 -8.01 1.02 11.69
C VAL A 65 -7.21 -0.12 12.28
N GLU A 66 -6.79 -1.07 11.43
CA GLU A 66 -5.74 -2.01 11.80
C GLU A 66 -4.45 -1.66 11.06
N VAL A 67 -3.38 -1.41 11.79
CA VAL A 67 -2.07 -1.10 11.23
C VAL A 67 -1.23 -2.36 11.24
N HIS A 68 -0.86 -2.82 10.05
CA HIS A 68 -0.11 -4.05 9.89
C HIS A 68 1.35 -3.70 9.69
N PRO A 69 2.26 -4.17 10.53
CA PRO A 69 3.67 -3.86 10.30
C PRO A 69 4.30 -4.85 9.36
N LEU A 70 4.51 -4.47 8.10
CA LEU A 70 5.03 -5.37 7.07
C LEU A 70 6.52 -5.12 6.84
N VAL A 71 7.35 -6.02 7.35
CA VAL A 71 8.80 -5.92 7.20
C VAL A 71 9.20 -6.62 5.91
N PHE A 72 10.05 -5.97 5.15
CA PHE A 72 10.73 -6.50 3.98
C PHE A 72 12.23 -6.33 4.21
N HIS A 73 12.99 -7.35 3.89
CA HIS A 73 14.45 -7.30 4.03
C HIS A 73 15.06 -6.92 2.69
N THR A 74 15.72 -5.76 2.66
CA THR A 74 16.37 -5.26 1.46
C THR A 74 17.86 -5.49 1.56
N ASN A 75 18.55 -5.29 0.44
CA ASN A 75 20.00 -5.41 0.42
C ASN A 75 20.67 -4.39 1.32
N ARG A 76 19.94 -3.37 1.79
CA ARG A 76 20.49 -2.38 2.70
C ARG A 76 19.93 -2.51 4.11
N GLY A 77 19.15 -3.55 4.38
CA GLY A 77 18.60 -3.72 5.70
C GLY A 77 17.08 -3.81 5.65
N PRO A 78 16.47 -4.06 6.80
CA PRO A 78 15.00 -4.15 6.85
C PRO A 78 14.33 -2.79 6.71
N ILE A 79 13.20 -2.81 6.05
CA ILE A 79 12.30 -1.67 6.06
C ILE A 79 10.92 -2.15 6.47
N LYS A 80 10.14 -1.25 7.03
CA LYS A 80 8.82 -1.62 7.54
C LYS A 80 7.78 -0.71 6.88
N PHE A 81 6.76 -1.29 6.28
CA PHE A 81 5.59 -0.54 5.82
C PHE A 81 4.51 -0.78 6.85
N ASN A 82 4.13 0.26 7.59
CA ASN A 82 2.99 0.19 8.49
C ASN A 82 1.74 0.45 7.65
N VAL A 83 1.07 -0.61 7.26
CA VAL A 83 -0.05 -0.53 6.32
C VAL A 83 -1.34 -0.33 7.08
N TRP A 84 -2.03 0.76 6.78
CA TRP A 84 -3.29 1.11 7.42
C TRP A 84 -4.43 0.46 6.66
N ASP A 85 -5.14 -0.46 7.30
CA ASP A 85 -6.29 -1.11 6.68
C ASP A 85 -7.55 -0.63 7.39
N THR A 86 -8.55 -0.27 6.61
CA THR A 86 -9.81 0.15 7.21
C THR A 86 -10.51 -1.03 7.89
N ALA A 87 -11.57 -0.70 8.59
CA ALA A 87 -12.54 -1.68 9.07
C ALA A 87 -13.84 -1.63 8.28
N GLY A 88 -13.77 -1.24 7.01
CA GLY A 88 -14.93 -1.23 6.13
C GLY A 88 -15.65 0.09 6.01
N GLN A 89 -15.15 1.14 6.69
CA GLN A 89 -15.89 2.40 6.72
C GLN A 89 -15.96 3.05 5.34
N GLU A 90 -15.05 2.68 4.44
CA GLU A 90 -15.08 3.24 3.09
C GLU A 90 -16.39 2.90 2.38
N LYS A 91 -17.13 1.91 2.86
CA LYS A 91 -18.41 1.61 2.23
C LYS A 91 -19.45 2.69 2.47
N PHE A 92 -19.17 3.67 3.34
CA PHE A 92 -20.18 4.67 3.72
C PHE A 92 -19.73 6.09 3.47
N GLY A 93 -18.63 6.29 2.78
CA GLY A 93 -18.19 7.61 2.42
C GLY A 93 -16.69 7.69 2.51
N GLY A 94 -16.18 8.91 2.39
CA GLY A 94 -14.77 9.12 2.51
C GLY A 94 -14.26 8.85 3.91
N LEU A 95 -12.95 8.69 4.00
CA LEU A 95 -12.30 8.41 5.27
C LEU A 95 -11.90 9.71 5.94
N ARG A 96 -11.80 9.66 7.27
N ARG A 96 -11.79 9.65 7.27
CA ARG A 96 -11.47 10.84 8.04
CA ARG A 96 -11.46 10.84 8.03
C ARG A 96 -10.02 11.26 7.80
C ARG A 96 -10.02 11.26 7.78
N ASP A 97 -9.74 12.54 8.06
CA ASP A 97 -8.39 13.07 7.83
C ASP A 97 -7.35 12.26 8.60
N GLY A 98 -7.67 11.86 9.82
CA GLY A 98 -6.68 11.13 10.61
C GLY A 98 -6.19 9.87 9.94
N TYR A 99 -7.05 9.23 9.14
CA TYR A 99 -6.62 8.04 8.43
C TYR A 99 -5.47 8.37 7.49
N TYR A 100 -5.57 9.50 6.81
CA TYR A 100 -4.57 9.86 5.81
C TYR A 100 -3.34 10.54 6.40
N ILE A 101 -3.52 11.22 7.54
CA ILE A 101 -2.48 12.13 8.03
C ILE A 101 -1.15 11.41 8.25
N GLN A 102 -0.08 12.05 7.77
CA GLN A 102 1.30 11.58 7.86
C GLN A 102 1.55 10.29 7.09
N ALA A 103 0.65 9.91 6.18
CA ALA A 103 0.97 8.86 5.25
C ALA A 103 2.17 9.29 4.40
N GLN A 104 3.13 8.38 4.26
CA GLN A 104 4.30 8.61 3.41
C GLN A 104 4.18 7.97 2.04
N CYS A 105 3.24 7.03 1.90
CA CYS A 105 3.02 6.40 0.61
C CYS A 105 1.65 5.74 0.65
N ALA A 106 1.22 5.23 -0.52
CA ALA A 106 -0.13 4.69 -0.61
C ALA A 106 -0.25 3.63 -1.68
N ILE A 107 -1.22 2.73 -1.49
CA ILE A 107 -1.72 1.86 -2.55
C ILE A 107 -3.19 2.18 -2.74
N ILE A 108 -3.57 2.48 -3.97
CA ILE A 108 -4.98 2.55 -4.35
C ILE A 108 -5.33 1.26 -5.06
N MET A 109 -6.36 0.57 -4.58
CA MET A 109 -6.73 -0.72 -5.11
C MET A 109 -8.09 -0.63 -5.81
N PHE A 110 -8.24 -1.36 -6.90
CA PHE A 110 -9.55 -1.59 -7.51
C PHE A 110 -9.67 -3.07 -7.86
N ASP A 111 -10.84 -3.47 -8.30
CA ASP A 111 -11.19 -4.86 -8.58
C ASP A 111 -11.38 -4.98 -10.09
N VAL A 112 -10.52 -5.77 -10.75
CA VAL A 112 -10.57 -5.86 -12.20
C VAL A 112 -11.84 -6.54 -12.70
N THR A 113 -12.66 -7.07 -11.80
CA THR A 113 -13.97 -7.61 -12.20
C THR A 113 -15.11 -6.63 -11.98
N SER A 114 -14.82 -5.42 -11.52
CA SER A 114 -15.85 -4.41 -11.25
C SER A 114 -15.38 -3.07 -11.78
N ARG A 115 -15.94 -2.65 -12.93
N ARG A 115 -15.92 -2.66 -12.93
CA ARG A 115 -15.47 -1.42 -13.56
CA ARG A 115 -15.48 -1.43 -13.56
C ARG A 115 -15.74 -0.20 -12.70
C ARG A 115 -15.72 -0.21 -12.68
N VAL A 116 -16.80 -0.22 -11.89
CA VAL A 116 -17.09 0.94 -11.04
C VAL A 116 -15.96 1.19 -10.04
N THR A 117 -15.32 0.13 -9.54
CA THR A 117 -14.21 0.34 -8.63
C THR A 117 -13.05 1.04 -9.31
N TYR A 118 -12.84 0.79 -10.61
CA TYR A 118 -11.84 1.55 -11.34
C TYR A 118 -12.28 2.98 -11.59
N LYS A 119 -13.55 3.17 -11.91
CA LYS A 119 -14.07 4.51 -12.10
C LYS A 119 -13.95 5.38 -10.85
N ASN A 120 -13.86 4.78 -9.68
CA ASN A 120 -13.73 5.52 -8.42
C ASN A 120 -12.29 5.76 -8.04
N VAL A 121 -11.34 5.18 -8.76
CA VAL A 121 -9.94 5.43 -8.47
C VAL A 121 -9.65 6.93 -8.41
N PRO A 122 -10.13 7.76 -9.34
CA PRO A 122 -9.81 9.20 -9.27
C PRO A 122 -10.31 9.87 -8.00
N ASN A 123 -11.45 9.42 -7.46
CA ASN A 123 -11.94 9.99 -6.22
C ASN A 123 -11.03 9.66 -5.05
N TRP A 124 -10.59 8.41 -4.95
CA TRP A 124 -9.66 8.04 -3.90
C TRP A 124 -8.36 8.82 -4.03
N HIS A 125 -7.85 8.95 -5.25
CA HIS A 125 -6.63 9.72 -5.45
C HIS A 125 -6.82 11.16 -4.98
N ARG A 126 -7.96 11.76 -5.32
CA ARG A 126 -8.22 13.13 -4.92
C ARG A 126 -8.21 13.26 -3.41
N ASP A 127 -8.94 12.38 -2.73
CA ASP A 127 -9.02 12.44 -1.28
C ASP A 127 -7.65 12.26 -0.65
N LEU A 128 -6.83 11.37 -1.21
CA LEU A 128 -5.51 11.12 -0.67
C LEU A 128 -4.62 12.34 -0.83
N VAL A 129 -4.56 12.89 -2.04
CA VAL A 129 -3.66 14.00 -2.31
C VAL A 129 -4.10 15.26 -1.57
N ARG A 130 -5.39 15.39 -1.31
CA ARG A 130 -5.85 16.55 -0.54
C ARG A 130 -5.12 16.67 0.79
N VAL A 131 -4.91 15.54 1.47
CA VAL A 131 -4.27 15.54 2.77
C VAL A 131 -2.76 15.37 2.66
N CYS A 132 -2.28 14.52 1.75
CA CYS A 132 -0.90 14.08 1.76
C CYS A 132 -0.05 14.69 0.65
N GLU A 133 -0.64 15.46 -0.26
CA GLU A 133 0.08 15.93 -1.43
C GLU A 133 0.62 14.74 -2.22
N ASN A 134 1.68 14.94 -2.99
CA ASN A 134 2.08 13.93 -3.98
C ASN A 134 3.11 12.96 -3.40
N ILE A 135 2.65 12.16 -2.45
CA ILE A 135 3.43 11.05 -1.91
C ILE A 135 3.47 9.99 -3.01
N PRO A 136 4.44 9.08 -2.98
CA PRO A 136 4.44 7.95 -3.92
C PRO A 136 3.22 7.06 -3.74
N ILE A 137 2.59 6.72 -4.86
CA ILE A 137 1.35 5.96 -4.87
C ILE A 137 1.46 4.86 -5.93
N VAL A 138 1.08 3.64 -5.57
CA VAL A 138 0.94 2.55 -6.53
C VAL A 138 -0.54 2.23 -6.70
N LEU A 139 -0.97 2.05 -7.95
CA LEU A 139 -2.31 1.61 -8.31
C LEU A 139 -2.27 0.12 -8.59
N CYS A 140 -3.18 -0.62 -7.97
CA CYS A 140 -3.21 -2.07 -8.06
C CYS A 140 -4.58 -2.55 -8.51
N GLY A 141 -4.60 -3.33 -9.60
CA GLY A 141 -5.81 -4.01 -10.01
C GLY A 141 -5.82 -5.42 -9.48
N ASN A 142 -6.70 -5.69 -8.52
CA ASN A 142 -6.72 -6.95 -7.79
C ASN A 142 -7.71 -7.93 -8.42
N LYS A 143 -7.53 -9.20 -8.08
CA LYS A 143 -8.40 -10.32 -8.48
C LYS A 143 -8.18 -10.76 -9.91
N VAL A 144 -6.96 -10.57 -10.42
CA VAL A 144 -6.69 -11.03 -11.78
C VAL A 144 -6.66 -12.55 -11.91
N ASP A 145 -6.78 -13.28 -10.82
CA ASP A 145 -6.98 -14.72 -10.93
C ASP A 145 -8.37 -15.07 -11.48
N ILE A 146 -9.32 -14.17 -11.40
CA ILE A 146 -10.67 -14.47 -11.88
C ILE A 146 -10.70 -14.42 -13.40
N LYS A 147 -11.18 -15.51 -14.03
CA LYS A 147 -11.09 -15.65 -15.47
C LYS A 147 -11.79 -14.50 -16.20
N ASP A 148 -13.02 -14.18 -15.80
CA ASP A 148 -13.83 -13.20 -16.52
C ASP A 148 -13.43 -11.80 -16.07
N ARG A 149 -12.29 -11.35 -16.60
CA ARG A 149 -11.76 -10.03 -16.26
C ARG A 149 -12.49 -8.95 -17.03
N LYS A 150 -12.82 -7.85 -16.36
CA LYS A 150 -13.55 -6.75 -16.98
C LYS A 150 -12.70 -5.53 -17.25
N VAL A 151 -11.85 -5.13 -16.31
CA VAL A 151 -10.97 -3.99 -16.49
C VAL A 151 -9.63 -4.55 -16.97
N LYS A 152 -9.37 -4.42 -18.27
CA LYS A 152 -8.18 -4.99 -18.87
C LYS A 152 -7.11 -3.91 -19.09
N ALA A 153 -5.91 -4.39 -19.43
CA ALA A 153 -4.75 -3.49 -19.53
C ALA A 153 -5.05 -2.25 -20.37
N LYS A 154 -5.73 -2.43 -21.50
CA LYS A 154 -5.91 -1.31 -22.42
C LYS A 154 -6.73 -0.19 -21.80
N SER A 155 -7.51 -0.48 -20.76
CA SER A 155 -8.37 0.52 -20.14
C SER A 155 -7.74 1.20 -18.93
N ILE A 156 -6.59 0.69 -18.46
CA ILE A 156 -6.00 1.16 -17.22
C ILE A 156 -4.99 2.23 -17.59
N VAL A 157 -5.37 3.50 -17.35
CA VAL A 157 -4.56 4.62 -17.83
C VAL A 157 -4.43 5.71 -16.78
N PHE A 158 -5.15 5.60 -15.66
CA PHE A 158 -5.09 6.65 -14.66
C PHE A 158 -3.69 6.86 -14.12
N HIS A 159 -2.91 5.78 -14.00
CA HIS A 159 -1.55 5.90 -13.48
C HIS A 159 -0.66 6.69 -14.44
N ARG A 160 -0.79 6.44 -15.74
CA ARG A 160 -0.03 7.21 -16.71
C ARG A 160 -0.36 8.69 -16.61
N LYS A 161 -1.59 9.01 -16.26
CA LYS A 161 -2.03 10.39 -16.20
C LYS A 161 -1.49 11.13 -14.99
N LYS A 162 -0.98 10.42 -13.95
CA LYS A 162 -0.70 11.06 -12.68
C LYS A 162 0.65 10.68 -12.07
N ASN A 163 1.60 10.20 -12.86
CA ASN A 163 2.91 9.79 -12.34
C ASN A 163 2.80 8.67 -11.30
N LEU A 164 1.98 7.67 -11.61
CA LEU A 164 1.76 6.54 -10.72
C LEU A 164 2.25 5.26 -11.37
N GLN A 165 2.71 4.33 -10.55
CA GLN A 165 3.06 3.00 -11.03
C GLN A 165 1.82 2.11 -10.92
N TYR A 166 1.67 1.16 -11.84
CA TYR A 166 0.54 0.24 -11.79
C TYR A 166 1.04 -1.20 -11.76
N TYR A 167 0.31 -2.05 -11.05
CA TYR A 167 0.50 -3.50 -11.13
C TYR A 167 -0.83 -4.21 -11.06
N ASP A 168 -0.94 -5.28 -11.84
CA ASP A 168 -1.94 -6.32 -11.59
C ASP A 168 -1.54 -7.07 -10.32
N ILE A 169 -2.53 -7.43 -9.49
CA ILE A 169 -2.27 -8.26 -8.34
C ILE A 169 -3.39 -9.27 -8.18
N SER A 170 -3.09 -10.35 -7.47
CA SER A 170 -4.11 -11.28 -7.00
C SER A 170 -3.76 -11.56 -5.53
N ALA A 171 -4.49 -10.94 -4.62
CA ALA A 171 -4.24 -11.16 -3.21
C ALA A 171 -4.35 -12.63 -2.86
N LYS A 172 -5.36 -13.31 -3.41
CA LYS A 172 -5.60 -14.69 -3.00
C LYS A 172 -4.53 -15.65 -3.46
N SER A 173 -3.77 -15.31 -4.50
CA SER A 173 -2.69 -16.18 -4.95
C SER A 173 -1.30 -15.62 -4.67
N ASN A 174 -1.19 -14.48 -4.01
CA ASN A 174 0.06 -13.78 -3.76
C ASN A 174 0.72 -13.26 -5.05
N TYR A 175 0.03 -13.28 -6.18
CA TYR A 175 0.63 -12.83 -7.43
C TYR A 175 1.00 -11.35 -7.35
N ASN A 176 2.27 -11.06 -7.61
CA ASN A 176 2.83 -9.71 -7.61
C ASN A 176 2.77 -9.03 -6.25
N PHE A 177 2.62 -9.80 -5.17
CA PHE A 177 2.46 -9.20 -3.83
C PHE A 177 3.56 -8.18 -3.52
N GLU A 178 4.81 -8.50 -3.84
CA GLU A 178 5.91 -7.64 -3.42
C GLU A 178 6.09 -6.41 -4.30
N LYS A 179 5.52 -6.40 -5.50
CA LYS A 179 5.83 -5.34 -6.46
C LYS A 179 5.48 -3.94 -5.97
N PRO A 180 4.28 -3.68 -5.44
CA PRO A 180 4.01 -2.31 -4.98
C PRO A 180 4.98 -1.85 -3.91
N PHE A 181 5.30 -2.73 -2.98
CA PHE A 181 6.19 -2.38 -1.89
C PHE A 181 7.62 -2.15 -2.38
N LEU A 182 8.08 -2.94 -3.33
CA LEU A 182 9.43 -2.69 -3.87
C LEU A 182 9.51 -1.36 -4.61
N TRP A 183 8.50 -1.07 -5.42
CA TRP A 183 8.51 0.21 -6.15
C TRP A 183 8.49 1.38 -5.18
N LEU A 184 7.63 1.30 -4.16
CA LEU A 184 7.57 2.38 -3.17
C LEU A 184 8.88 2.49 -2.40
N ALA A 185 9.48 1.36 -2.02
CA ALA A 185 10.72 1.43 -1.27
C ALA A 185 11.78 2.16 -2.07
N ARG A 186 11.86 1.82 -3.36
CA ARG A 186 12.85 2.48 -4.21
C ARG A 186 12.59 3.97 -4.32
N LYS A 187 11.32 4.37 -4.41
CA LYS A 187 10.99 5.79 -4.53
C LYS A 187 11.26 6.54 -3.24
N LEU A 188 10.87 5.98 -2.11
CA LEU A 188 11.04 6.62 -0.81
C LEU A 188 12.51 6.74 -0.41
N ILE A 189 13.27 5.69 -0.67
N ILE A 189 13.28 5.70 -0.66
CA ILE A 189 14.68 5.66 -0.25
CA ILE A 189 14.67 5.67 -0.23
C ILE A 189 15.54 6.43 -1.23
C ILE A 189 15.59 6.33 -1.25
N GLY A 190 15.11 6.54 -2.48
CA GLY A 190 15.92 7.19 -3.48
C GLY A 190 17.00 6.27 -4.02
N ASP A 191 16.70 4.99 -4.17
CA ASP A 191 17.69 4.01 -4.60
C ASP A 191 17.02 3.08 -5.60
N PRO A 192 17.24 3.30 -6.89
CA PRO A 192 16.60 2.46 -7.90
C PRO A 192 17.18 1.07 -7.98
N ASN A 193 18.27 0.79 -7.28
CA ASN A 193 18.87 -0.52 -7.26
C ASN A 193 18.55 -1.31 -6.00
N LEU A 194 17.69 -0.77 -5.14
CA LEU A 194 17.25 -1.50 -3.96
C LEU A 194 16.55 -2.78 -4.37
N GLU A 195 16.84 -3.86 -3.67
CA GLU A 195 16.24 -5.17 -3.94
C GLU A 195 15.76 -5.74 -2.62
N PHE A 196 14.73 -6.60 -2.70
CA PHE A 196 14.35 -7.44 -1.58
C PHE A 196 15.17 -8.71 -1.66
N VAL A 197 15.84 -9.09 -0.57
CA VAL A 197 16.71 -10.26 -0.62
C VAL A 197 15.90 -11.54 -0.58
N ALA A 198 14.69 -11.49 -0.05
CA ALA A 198 13.81 -12.65 -0.01
C ALA A 198 12.39 -12.16 0.17
N MET A 199 11.43 -12.99 -0.25
N MET A 199 11.43 -12.99 -0.25
CA MET A 199 10.03 -12.69 -0.03
CA MET A 199 10.02 -12.68 -0.03
C MET A 199 9.68 -12.85 1.45
C MET A 199 9.68 -12.86 1.45
N PRO A 200 8.84 -12.00 2.02
CA PRO A 200 8.34 -12.26 3.37
C PRO A 200 7.52 -13.52 3.37
N ALA A 201 7.31 -14.05 4.54
CA ALA A 201 6.48 -15.24 4.69
C ALA A 201 5.03 -14.87 4.46
N LEU A 202 4.37 -15.54 3.50
CA LEU A 202 3.01 -15.21 3.09
C LEU A 202 2.09 -16.39 3.30
N ALA A 203 0.83 -16.08 3.58
CA ALA A 203 -0.18 -17.10 3.63
C ALA A 203 -0.16 -17.87 2.32
N PRO A 204 -0.27 -19.21 2.36
CA PRO A 204 -0.15 -19.97 1.12
C PRO A 204 -1.30 -19.63 0.17
N PRO A 205 -1.02 -19.65 -1.13
CA PRO A 205 -2.07 -19.29 -2.11
C PRO A 205 -3.33 -20.10 -1.89
N GLU A 206 -4.47 -19.43 -1.91
CA GLU A 206 -5.77 -20.07 -1.86
C GLU A 206 -6.33 -20.34 -3.24
N VAL A 207 -5.80 -19.69 -4.27
CA VAL A 207 -6.10 -20.01 -5.66
C VAL A 207 -4.78 -19.96 -6.41
N VAL A 208 -4.72 -20.70 -7.50
CA VAL A 208 -3.53 -20.76 -8.34
C VAL A 208 -3.64 -19.68 -9.41
N MET A 209 -2.61 -18.84 -9.52
CA MET A 209 -2.52 -17.88 -10.61
C MET A 209 -1.84 -18.59 -11.77
N ASP A 210 -2.55 -18.79 -12.87
CA ASP A 210 -2.01 -19.49 -14.03
C ASP A 210 -0.79 -18.76 -14.55
N PRO A 211 0.40 -19.40 -14.58
CA PRO A 211 1.60 -18.69 -15.03
C PRO A 211 1.47 -18.15 -16.44
N ALA A 212 0.81 -18.89 -17.33
CA ALA A 212 0.65 -18.40 -18.69
C ALA A 212 -0.26 -17.18 -18.73
N LEU A 213 -1.33 -17.19 -17.93
CA LEU A 213 -2.20 -16.02 -17.86
C LEU A 213 -1.45 -14.81 -17.32
N ALA A 214 -0.59 -15.02 -16.32
CA ALA A 214 0.19 -13.91 -15.78
C ALA A 214 1.13 -13.34 -16.84
N ALA A 215 1.83 -14.22 -17.56
CA ALA A 215 2.69 -13.74 -18.64
C ALA A 215 1.90 -12.94 -19.66
N GLN A 216 0.71 -13.41 -20.01
CA GLN A 216 -0.10 -12.71 -21.00
C GLN A 216 -0.54 -11.35 -20.49
N TYR A 217 -0.96 -11.26 -19.24
CA TYR A 217 -1.40 -9.98 -18.67
C TYR A 217 -0.24 -9.00 -18.60
N GLU A 218 0.95 -9.48 -18.22
CA GLU A 218 2.12 -8.61 -18.16
C GLU A 218 2.45 -8.07 -19.54
N HIS A 219 2.41 -8.95 -20.56
CA HIS A 219 2.64 -8.51 -21.93
C HIS A 219 1.61 -7.49 -22.37
N ASP A 220 0.34 -7.74 -22.03
CA ASP A 220 -0.71 -6.79 -22.41
C ASP A 220 -0.42 -5.42 -21.81
N LEU A 221 0.04 -5.40 -20.54
CA LEU A 221 0.34 -4.13 -19.91
C LEU A 221 1.49 -3.42 -20.62
N GLU A 222 2.54 -4.16 -21.00
CA GLU A 222 3.62 -3.53 -21.78
C GLU A 222 3.09 -2.93 -23.07
N VAL A 223 2.35 -3.74 -23.84
CA VAL A 223 1.81 -3.28 -25.12
C VAL A 223 1.01 -1.99 -24.92
N ALA A 224 0.16 -1.97 -23.89
CA ALA A 224 -0.65 -0.78 -23.63
C ALA A 224 0.22 0.40 -23.22
N GLN A 225 1.28 0.14 -22.46
CA GLN A 225 2.15 1.23 -22.03
C GLN A 225 2.77 1.93 -23.23
N THR A 226 3.08 1.17 -24.30
CA THR A 226 3.67 1.83 -25.47
C THR A 226 2.65 2.57 -26.32
N THR A 227 1.36 2.24 -26.21
CA THR A 227 0.34 2.89 -27.00
C THR A 227 -0.04 4.24 -26.41
N ALA A 228 -0.49 5.15 -27.27
CA ALA A 228 -0.87 6.49 -26.85
C ALA A 228 -2.24 6.49 -26.19
N LEU A 229 -2.46 7.46 -25.31
CA LEU A 229 -3.71 7.58 -24.59
C LEU A 229 -4.87 7.97 -25.52
N GLY B 4 21.83 -3.85 12.74
CA GLY B 4 20.80 -4.82 13.05
C GLY B 4 19.48 -4.52 12.36
N SER B 5 18.52 -3.99 13.13
CA SER B 5 17.26 -3.52 12.57
C SER B 5 17.38 -2.13 11.97
N GLY B 6 18.59 -1.57 11.91
CA GLY B 6 18.83 -0.31 11.26
C GLY B 6 18.98 -0.46 9.76
N PHE B 7 19.13 0.68 9.09
CA PHE B 7 19.19 0.74 7.63
C PHE B 7 20.39 1.59 7.22
N GLU B 8 21.20 1.05 6.31
CA GLU B 8 22.42 1.71 5.89
C GLU B 8 22.14 3.12 5.40
N GLY B 9 22.61 4.12 6.15
CA GLY B 9 22.46 5.51 5.77
C GLY B 9 21.35 6.27 6.46
N MET B 10 20.58 5.62 7.32
CA MET B 10 19.43 6.27 7.93
C MET B 10 19.85 7.40 8.87
N PHE B 11 18.97 8.38 9.02
CA PHE B 11 19.23 9.58 9.80
C PHE B 11 18.35 9.60 11.05
N ILE B 12 18.97 9.97 12.17
CA ILE B 12 18.26 10.13 13.43
C ILE B 12 17.78 11.57 13.55
N ARG B 13 16.49 11.77 13.78
CA ARG B 13 15.94 13.09 14.01
C ARG B 13 15.57 13.24 15.49
N LYS B 14 15.99 14.36 16.08
CA LYS B 14 15.85 14.55 17.52
C LYS B 14 14.42 14.83 17.90
N GLY B 15 14.01 14.27 19.04
CA GLY B 15 12.73 14.59 19.64
C GLY B 15 11.53 13.88 19.05
N GLN B 16 11.61 13.41 17.81
CA GLN B 16 10.46 12.72 17.21
C GLN B 16 10.08 11.51 18.06
N TRP B 17 8.78 11.28 18.20
CA TRP B 17 8.28 10.18 19.00
C TRP B 17 7.33 9.35 18.15
N ASP B 18 7.43 8.03 18.30
CA ASP B 18 6.58 7.07 17.58
C ASP B 18 5.32 6.83 18.40
N CYS B 19 4.16 7.06 17.81
CA CYS B 19 2.91 6.79 18.51
C CYS B 19 2.82 5.31 18.84
N SER B 20 2.55 5.01 20.11
CA SER B 20 2.44 3.62 20.53
C SER B 20 1.15 2.98 20.04
N VAL B 21 0.18 3.77 19.61
CA VAL B 21 -1.09 3.25 19.15
C VAL B 21 -1.08 2.96 17.65
N CYS B 22 -0.64 3.92 16.82
CA CYS B 22 -0.74 3.79 15.37
C CYS B 22 0.58 3.84 14.62
N CYS B 23 1.68 4.08 15.31
CA CYS B 23 3.05 4.06 14.81
C CYS B 23 3.40 5.29 13.99
N VAL B 24 2.51 6.28 13.89
CA VAL B 24 2.88 7.52 13.22
C VAL B 24 4.03 8.18 13.97
N GLN B 25 4.97 8.73 13.23
CA GLN B 25 6.10 9.43 13.81
C GLN B 25 5.73 10.90 13.95
N ASN B 26 5.73 11.40 15.18
CA ASN B 26 5.28 12.76 15.48
C ASN B 26 6.46 13.67 15.82
N GLU B 27 6.20 14.97 15.74
CA GLU B 27 7.17 15.98 16.14
C GLU B 27 7.18 16.15 17.66
N SER B 28 8.34 16.51 18.19
CA SER B 28 8.46 16.70 19.64
C SER B 28 7.42 17.67 20.16
N SER B 29 7.08 18.70 19.38
CA SER B 29 6.15 19.71 19.84
C SER B 29 4.70 19.21 19.85
N SER B 30 4.41 18.11 19.17
CA SER B 30 3.05 17.55 19.19
C SER B 30 2.85 16.78 20.49
N LEU B 31 1.84 17.19 21.26
CA LEU B 31 1.50 16.49 22.50
C LEU B 31 0.49 15.39 22.28
N LYS B 32 -0.17 15.34 21.13
CA LYS B 32 -1.07 14.26 20.77
C LYS B 32 -0.78 13.87 19.34
N CYS B 33 -0.91 12.59 19.05
CA CYS B 33 -0.63 12.07 17.73
C CYS B 33 -1.50 12.78 16.70
N VAL B 34 -0.86 13.37 15.69
CA VAL B 34 -1.61 14.11 14.67
C VAL B 34 -2.59 13.22 13.92
N ALA B 35 -2.39 11.90 13.93
CA ALA B 35 -3.30 11.02 13.22
C ALA B 35 -4.42 10.50 14.13
N CYS B 36 -4.04 9.79 15.22
CA CYS B 36 -5.04 9.10 16.01
C CYS B 36 -5.40 9.78 17.31
N ASP B 37 -4.70 10.85 17.68
CA ASP B 37 -4.97 11.68 18.86
C ASP B 37 -4.50 11.06 20.17
N ALA B 38 -3.72 9.98 20.11
CA ALA B 38 -3.10 9.42 21.30
C ALA B 38 -2.10 10.38 21.95
N SER B 39 -2.06 10.38 23.27
N SER B 39 -2.06 10.38 23.27
CA SER B 39 -1.18 11.28 24.00
CA SER B 39 -1.18 11.28 24.00
C SER B 39 0.28 10.86 23.82
C SER B 39 0.28 10.86 23.82
N LYS B 40 1.17 11.87 23.79
CA LYS B 40 2.60 11.60 23.66
C LYS B 40 3.08 10.76 24.84
N PRO B 41 3.79 9.63 24.60
CA PRO B 41 4.29 8.82 25.70
C PRO B 41 5.25 9.57 26.62
PB GDP C . -11.98 -4.95 1.16
O1B GDP C . -11.34 -4.04 0.14
O2B GDP C . -13.42 -4.55 1.55
O3B GDP C . -11.19 -5.05 2.45
O3A GDP C . -12.07 -6.40 0.46
PA GDP C . -11.90 -7.81 1.20
O1A GDP C . -10.47 -8.14 1.52
O2A GDP C . -12.80 -7.90 2.40
O5' GDP C . -12.39 -8.88 0.02
C5' GDP C . -13.77 -8.77 -0.36
C4' GDP C . -14.14 -10.14 -1.10
O4' GDP C . -13.19 -10.22 -2.32
C3' GDP C . -13.88 -11.12 -0.37
O3' GDP C . -14.84 -12.21 -0.64
C2' GDP C . -12.39 -11.69 -0.81
O2' GDP C . -12.33 -13.12 -0.53
C1' GDP C . -12.41 -11.50 -2.09
N9 GDP C . -11.09 -11.43 -2.78
C8 GDP C . -10.21 -10.52 -2.23
N7 GDP C . -9.05 -10.60 -2.94
C5 GDP C . -9.23 -11.51 -3.91
C6 GDP C . -8.37 -12.06 -5.02
O6 GDP C . -7.23 -11.68 -5.21
N1 GDP C . -8.94 -13.03 -5.91
C2 GDP C . -10.27 -13.54 -5.72
N2 GDP C . -10.87 -14.54 -6.56
N3 GDP C . -11.08 -13.02 -4.65
C4 GDP C . -10.50 -12.00 -3.77
H5' GDP C . -13.88 -8.03 -0.95
H5'' GDP C . -14.32 -8.67 0.43
H4' GDP C . -15.08 -10.14 -1.37
H3' GDP C . -13.89 -10.86 0.57
HO3' GDP C . -15.23 -12.43 0.08
H2' GDP C . -11.69 -11.20 -0.34
HO2' GDP C . -11.99 -13.24 0.24
H1' GDP C . -12.92 -12.22 -2.49
H8 GDP C . -10.36 -9.99 -1.48
HN1 GDP C . -8.47 -13.36 -6.52
HN21 GDP C . -11.68 -14.80 -6.42
HN22 GDP C . -10.43 -14.88 -7.21
C1 GOL D . -16.42 7.71 -2.27
O1 GOL D . -16.00 7.83 -0.95
C2 GOL D . -15.20 7.28 -3.09
O2 GOL D . -15.39 7.54 -4.46
C3 GOL D . -14.01 8.07 -2.53
O3 GOL D . -14.45 9.35 -2.22
H11 GOL D . -16.79 8.53 -2.64
H12 GOL D . -17.12 7.05 -2.37
H2 GOL D . -15.05 6.33 -3.02
HO2 GOL D . -14.81 7.10 -4.89
H31 GOL D . -13.29 8.05 -3.17
H32 GOL D . -13.66 7.61 -1.75
HO3 GOL D . -13.84 9.72 -1.76
MG MG E . -11.39 -4.46 4.33
ZN ZN F . -1.21 7.68 16.63
#